data_5UXN
#
_entry.id   5UXN
#
_cell.length_a   81.270
_cell.length_b   100.540
_cell.length_c   115.550
_cell.angle_alpha   90.00
_cell.angle_beta   90.00
_cell.angle_gamma   90.00
#
_symmetry.space_group_name_H-M   'I 2 2 2'
#
loop_
_entity.id
_entity.type
_entity.pdbx_description
1 polymer 'Phospho-2-dehydro-3-deoxyheptonate aldolase'
2 non-polymer 'PHOSPHATE ION'
3 non-polymer 'COBALT (II) ION'
4 non-polymer PHOSPHOENOLPYRUVATE
5 non-polymer TYROSINE
6 non-polymer 'CHLORIDE ION'
7 water water
#
_entity_poly.entity_id   1
_entity_poly.type   'polypeptide(L)'
_entity_poly.pdbx_seq_one_letter_code
;GSGSGASQSWSPESWRAKPIQQQPEYPDAAHLARVEQTLAGYPPLVFAGEARELRRQFAEVTAGRAFLLQGGDCAESFAE
FSAAKIRDTFKVLLQMAVVMTFAAGCPVVKVGRMAGQFAKPRSSGDETQNGVTLPAYRGDIVNGIGFDEKSRVPDPERLL
QAYHQSTASLNLLRAFAQGGFADLHQVHRWNLDFIANSALAERYQQLADRIDETLAFMRACGLDSAPQLRETSFFTAHEA
LLLNYEEALTRRDSLTGEWYDCSAHMLWIGDRTRQIDGAHVEMLRGVGNPIGVKVGPSMDSEELIRLIDILNPDNDPGRL
NLIVRMGADKVGDHLPRLIQAIQREGRQVLWSSDPMHGNTIKASSGYKTRDFARVLAEVRQFFEVHQAEGSYAGGIHIEM
TGQNVTECIGGSRPITEDGLSDRYHTHCDPRLNADQSLELAFLIAETLKQVRR
;
_entity_poly.pdbx_strand_id   A
#
loop_
_chem_comp.id
_chem_comp.type
_chem_comp.name
_chem_comp.formula
CL non-polymer 'CHLORIDE ION' 'Cl -1'
CO non-polymer 'COBALT (II) ION' 'Co 2'
PEP non-polymer PHOSPHOENOLPYRUVATE 'C3 H5 O6 P'
PO4 non-polymer 'PHOSPHATE ION' 'O4 P -3'
#
# COMPACT_ATOMS: atom_id res chain seq x y z
N SER A 9 24.96 -10.51 -11.62
CA SER A 9 23.85 -10.73 -12.63
C SER A 9 22.63 -11.38 -11.96
N TRP A 10 21.50 -11.25 -12.61
CA TRP A 10 20.20 -11.40 -11.94
C TRP A 10 19.31 -12.14 -12.89
N SER A 11 18.41 -12.95 -12.33
CA SER A 11 17.37 -13.61 -13.09
C SER A 11 16.13 -13.61 -12.16
N PRO A 12 14.96 -13.94 -12.71
CA PRO A 12 13.74 -14.07 -11.92
C PRO A 12 13.81 -15.15 -10.85
N GLU A 13 14.77 -16.07 -10.99
CA GLU A 13 14.89 -17.19 -10.06
C GLU A 13 16.13 -17.06 -9.15
N SER A 14 16.88 -15.97 -9.28
CA SER A 14 18.13 -15.81 -8.54
C SER A 14 17.85 -15.68 -7.03
N TRP A 15 16.64 -15.26 -6.65
CA TRP A 15 16.24 -15.25 -5.24
C TRP A 15 16.28 -16.60 -4.52
N ARG A 16 16.17 -17.68 -5.26
CA ARG A 16 16.12 -19.04 -4.72
C ARG A 16 17.45 -19.53 -4.16
N ALA A 17 18.54 -18.83 -4.44
CA ALA A 17 19.84 -19.17 -3.95
C ALA A 17 20.16 -18.38 -2.67
N LYS A 18 19.28 -17.46 -2.29
CA LYS A 18 19.55 -16.65 -1.13
C LYS A 18 18.87 -17.22 0.08
N PRO A 19 19.38 -16.88 1.28
CA PRO A 19 18.62 -17.11 2.50
C PRO A 19 17.30 -16.33 2.54
N ILE A 20 16.29 -16.88 3.20
CA ILE A 20 14.92 -16.40 3.03
C ILE A 20 14.10 -16.56 4.27
N GLN A 21 13.31 -15.53 4.57
CA GLN A 21 12.33 -15.60 5.68
C GLN A 21 10.90 -15.66 5.17
N GLN A 22 10.02 -16.16 6.03
CA GLN A 22 8.58 -16.03 5.90
C GLN A 22 8.01 -16.85 4.76
N GLN A 23 8.77 -17.81 4.21
CA GLN A 23 8.25 -18.70 3.18
C GLN A 23 7.55 -19.94 3.80
N PRO A 24 6.40 -20.35 3.21
CA PRO A 24 5.72 -21.56 3.67
C PRO A 24 6.45 -22.83 3.22
N GLU A 25 6.16 -23.92 3.87
CA GLU A 25 6.72 -25.23 3.50
C GLU A 25 5.64 -25.98 2.75
N TYR A 26 5.84 -26.10 1.45
CA TYR A 26 4.88 -26.77 0.61
C TYR A 26 5.09 -28.26 0.74
N PRO A 27 4.00 -29.05 0.78
CA PRO A 27 4.22 -30.48 0.96
C PRO A 27 4.67 -31.23 -0.31
N ASP A 28 4.49 -30.65 -1.50
CA ASP A 28 4.84 -31.36 -2.76
C ASP A 28 5.52 -30.38 -3.69
N ALA A 29 6.83 -30.46 -3.76
CA ALA A 29 7.65 -29.53 -4.55
C ALA A 29 7.29 -29.57 -6.03
N ALA A 30 7.09 -30.77 -6.53
CA ALA A 30 6.69 -30.97 -7.91
C ALA A 30 5.33 -30.32 -8.27
N HIS A 31 4.32 -30.57 -7.47
CA HIS A 31 3.01 -29.92 -7.60
C HIS A 31 3.13 -28.38 -7.61
N LEU A 32 3.85 -27.83 -6.62
CA LEU A 32 4.09 -26.41 -6.61
C LEU A 32 4.73 -25.96 -7.94
N ALA A 33 5.75 -26.68 -8.40
CA ALA A 33 6.42 -26.32 -9.64
C ALA A 33 5.47 -26.35 -10.86
N ARG A 34 4.52 -27.25 -10.88
CA ARG A 34 3.51 -27.22 -11.93
C ARG A 34 2.58 -25.99 -11.86
N VAL A 35 2.15 -25.56 -10.66
CA VAL A 35 1.30 -24.42 -10.56
C VAL A 35 2.06 -23.15 -11.01
N GLU A 36 3.30 -23.03 -10.58
CA GLU A 36 4.22 -21.99 -11.06
C GLU A 36 4.38 -21.93 -12.56
N GLN A 37 4.47 -23.06 -13.23
CA GLN A 37 4.55 -23.03 -14.71
C GLN A 37 3.23 -22.60 -15.31
N THR A 38 2.12 -23.03 -14.71
CA THR A 38 0.80 -22.57 -15.19
C THR A 38 0.71 -21.07 -15.13
N LEU A 39 1.08 -20.51 -13.98
CA LEU A 39 0.95 -19.09 -13.76
C LEU A 39 1.93 -18.31 -14.65
N ALA A 40 3.09 -18.89 -14.91
CA ALA A 40 4.09 -18.26 -15.77
C ALA A 40 3.58 -17.98 -17.18
N GLY A 41 2.67 -18.80 -17.67
CA GLY A 41 2.09 -18.56 -19.01
C GLY A 41 0.79 -17.74 -18.99
N TYR A 42 0.32 -17.32 -17.81
CA TYR A 42 -0.87 -16.47 -17.75
C TYR A 42 -0.50 -14.99 -18.06
N PRO A 43 -1.44 -14.20 -18.53
CA PRO A 43 -1.10 -12.82 -18.80
C PRO A 43 -0.74 -12.00 -17.52
N PRO A 44 0.13 -10.98 -17.66
CA PRO A 44 0.53 -10.08 -16.59
C PRO A 44 -0.62 -9.16 -16.16
N LEU A 45 -0.61 -8.71 -14.92
CA LEU A 45 -1.64 -7.81 -14.39
C LEU A 45 -1.41 -6.39 -14.92
N VAL A 46 -0.14 -6.06 -15.17
CA VAL A 46 0.24 -4.76 -15.62
C VAL A 46 1.24 -4.92 -16.75
N PHE A 47 1.38 -3.82 -17.48
CA PHE A 47 2.24 -3.71 -18.68
C PHE A 47 3.42 -2.81 -18.24
N ALA A 48 4.63 -3.16 -18.63
CA ALA A 48 5.84 -2.47 -18.22
C ALA A 48 5.84 -0.94 -18.42
N GLY A 49 5.26 -0.50 -19.53
CA GLY A 49 5.08 0.89 -19.78
C GLY A 49 4.49 1.60 -18.57
N GLU A 50 3.51 0.97 -17.91
CA GLU A 50 2.79 1.63 -16.80
C GLU A 50 3.67 1.77 -15.55
N ALA A 51 4.52 0.79 -15.32
CA ALA A 51 5.45 0.82 -14.21
C ALA A 51 6.45 1.94 -14.37
N ARG A 52 6.83 2.20 -15.62
CA ARG A 52 7.71 3.31 -15.95
C ARG A 52 7.01 4.64 -15.72
N GLU A 53 5.75 4.70 -16.10
CA GLU A 53 4.97 5.88 -15.84
C GLU A 53 4.85 6.15 -14.33
N LEU A 54 4.62 5.12 -13.52
CA LEU A 54 4.58 5.32 -12.05
C LEU A 54 5.92 5.80 -11.51
N ARG A 55 7.03 5.31 -12.09
CA ARG A 55 8.36 5.80 -11.70
C ARG A 55 8.47 7.32 -11.97
N ARG A 56 8.01 7.73 -13.12
CA ARG A 56 7.92 9.13 -13.47
C ARG A 56 7.10 9.95 -12.45
N GLN A 57 5.96 9.42 -11.98
CA GLN A 57 5.17 10.16 -10.99
C GLN A 57 5.89 10.11 -9.61
N PHE A 58 6.56 9.00 -9.27
CA PHE A 58 7.32 8.93 -8.01
C PHE A 58 8.38 10.05 -7.99
N ALA A 59 9.01 10.27 -9.12
CA ALA A 59 10.07 11.26 -9.24
C ALA A 59 9.52 12.67 -8.97
N GLU A 60 8.30 12.93 -9.46
CA GLU A 60 7.57 14.16 -9.16
C GLU A 60 7.35 14.29 -7.68
N VAL A 61 6.93 13.23 -7.01
CA VAL A 61 6.76 13.29 -5.53
C VAL A 61 8.09 13.53 -4.83
N THR A 62 9.14 12.85 -5.30
CA THR A 62 10.43 12.89 -4.65
C THR A 62 11.04 14.32 -4.67
N ALA A 63 10.73 15.04 -5.73
CA ALA A 63 11.14 16.42 -5.98
C ALA A 63 10.22 17.48 -5.38
N GLY A 64 9.16 17.05 -4.66
CA GLY A 64 8.37 17.99 -3.90
C GLY A 64 7.24 18.59 -4.69
N ARG A 65 6.97 18.01 -5.87
CA ARG A 65 5.92 18.50 -6.81
C ARG A 65 4.60 17.67 -6.84
N ALA A 66 4.54 16.60 -6.02
CA ALA A 66 3.32 15.82 -5.82
C ALA A 66 3.38 15.07 -4.49
N PHE A 67 2.31 14.31 -4.19
CA PHE A 67 2.14 13.62 -2.95
C PHE A 67 1.63 12.22 -3.26
N LEU A 68 2.12 11.21 -2.52
CA LEU A 68 1.76 9.82 -2.77
C LEU A 68 0.71 9.36 -1.74
N LEU A 69 -0.42 8.87 -2.25
CA LEU A 69 -1.46 8.26 -1.46
C LEU A 69 -1.51 6.74 -1.77
N GLN A 70 -1.16 5.94 -0.76
CA GLN A 70 -1.17 4.51 -0.89
C GLN A 70 -2.01 3.94 0.21
N GLY A 71 -3.05 3.23 -0.19
CA GLY A 71 -4.05 2.75 0.73
C GLY A 71 -4.72 1.48 0.21
N GLY A 72 -5.14 0.63 1.13
CA GLY A 72 -6.02 -0.44 0.80
C GLY A 72 -6.03 -1.45 1.90
N ASP A 73 -6.18 -2.71 1.52
CA ASP A 73 -6.34 -3.78 2.49
C ASP A 73 -5.08 -4.12 3.26
N CYS A 74 -5.28 -4.70 4.44
CA CYS A 74 -4.28 -5.30 5.28
C CYS A 74 -3.92 -6.59 4.52
N ALA A 75 -4.88 -7.46 4.26
CA ALA A 75 -4.75 -8.57 3.35
C ALA A 75 -6.08 -8.90 2.76
N GLU A 76 -6.13 -8.96 1.44
CA GLU A 76 -7.34 -9.32 0.77
C GLU A 76 -7.66 -10.75 1.08
N SER A 77 -8.95 -11.12 1.13
CA SER A 77 -9.37 -12.49 1.29
C SER A 77 -10.25 -13.04 0.12
N PHE A 78 -10.23 -14.37 -0.04
CA PHE A 78 -11.10 -15.05 -0.96
C PHE A 78 -12.60 -14.93 -0.61
N ALA A 79 -12.91 -14.88 0.68
CA ALA A 79 -14.28 -14.75 1.14
C ALA A 79 -14.85 -13.37 0.95
N GLU A 80 -13.99 -12.37 0.77
CA GLU A 80 -14.45 -10.98 0.52
C GLU A 80 -14.02 -10.53 -0.85
N PHE A 81 -14.69 -11.01 -1.86
CA PHE A 81 -14.28 -10.78 -3.20
C PHE A 81 -15.54 -10.25 -3.86
N SER A 82 -15.76 -8.95 -3.70
CA SER A 82 -16.97 -8.40 -4.25
C SER A 82 -16.67 -7.13 -4.92
N ALA A 83 -17.40 -6.86 -5.99
CA ALA A 83 -17.38 -5.55 -6.60
C ALA A 83 -17.63 -4.42 -5.59
N ALA A 84 -18.61 -4.59 -4.71
CA ALA A 84 -18.95 -3.55 -3.72
C ALA A 84 -17.71 -3.17 -2.87
N LYS A 85 -16.97 -4.16 -2.44
CA LYS A 85 -15.87 -3.91 -1.57
C LYS A 85 -14.76 -3.15 -2.34
N ILE A 86 -14.50 -3.55 -3.58
CA ILE A 86 -13.46 -2.94 -4.42
C ILE A 86 -13.86 -1.44 -4.69
N ARG A 87 -15.08 -1.26 -5.17
CA ARG A 87 -15.63 0.07 -5.39
C ARG A 87 -15.56 0.99 -4.15
N ASP A 88 -15.95 0.48 -2.99
CA ASP A 88 -16.03 1.34 -1.80
C ASP A 88 -14.67 1.79 -1.29
N THR A 89 -13.70 0.89 -1.34
CA THR A 89 -12.35 1.19 -1.03
C THR A 89 -11.76 2.24 -2.01
N PHE A 90 -12.13 2.15 -3.27
CA PHE A 90 -11.65 3.07 -4.29
C PHE A 90 -12.31 4.44 -4.14
N LYS A 91 -13.60 4.47 -3.81
CA LYS A 91 -14.25 5.68 -3.39
C LYS A 91 -13.50 6.43 -2.30
N VAL A 92 -13.06 5.73 -1.28
CA VAL A 92 -12.38 6.41 -0.17
C VAL A 92 -11.07 6.96 -0.64
N LEU A 93 -10.38 6.21 -1.50
CA LEU A 93 -9.15 6.73 -2.07
C LEU A 93 -9.37 7.98 -2.92
N LEU A 94 -10.40 7.99 -3.73
CA LEU A 94 -10.65 9.19 -4.54
C LEU A 94 -11.01 10.41 -3.67
N GLN A 95 -11.83 10.19 -2.66
CA GLN A 95 -12.16 11.21 -1.70
C GLN A 95 -10.93 11.85 -1.06
N MET A 96 -10.08 11.03 -0.51
CA MET A 96 -8.86 11.49 0.08
C MET A 96 -8.06 12.30 -0.93
N ALA A 97 -8.03 11.80 -2.18
CA ALA A 97 -7.13 12.34 -3.16
C ALA A 97 -7.59 13.73 -3.56
N VAL A 98 -8.89 13.87 -3.80
CA VAL A 98 -9.39 15.14 -4.19
C VAL A 98 -9.30 16.21 -3.06
N VAL A 99 -9.50 15.76 -1.80
CA VAL A 99 -9.37 16.65 -0.68
C VAL A 99 -7.96 17.20 -0.62
N MET A 100 -6.98 16.34 -0.75
CA MET A 100 -5.61 16.76 -0.76
C MET A 100 -5.27 17.60 -2.00
N THR A 101 -5.73 17.16 -3.17
CA THR A 101 -5.38 17.85 -4.38
C THR A 101 -5.89 19.34 -4.33
N PHE A 102 -7.16 19.53 -3.96
CA PHE A 102 -7.81 20.83 -4.03
C PHE A 102 -7.27 21.79 -2.99
N ALA A 103 -7.11 21.30 -1.78
CA ALA A 103 -6.72 22.21 -0.70
C ALA A 103 -5.25 22.54 -0.79
N ALA A 104 -4.44 21.64 -1.35
CA ALA A 104 -3.00 21.85 -1.42
C ALA A 104 -2.43 22.22 -2.79
N GLY A 105 -3.25 22.18 -3.85
CA GLY A 105 -2.74 22.60 -5.19
C GLY A 105 -1.68 21.66 -5.76
N CYS A 106 -1.78 20.38 -5.37
CA CYS A 106 -0.69 19.40 -5.48
C CYS A 106 -1.27 18.15 -6.14
N PRO A 107 -0.66 17.66 -7.21
CA PRO A 107 -1.06 16.35 -7.76
C PRO A 107 -0.86 15.22 -6.73
N VAL A 108 -1.83 14.31 -6.69
CA VAL A 108 -1.72 13.14 -5.83
C VAL A 108 -1.59 11.89 -6.70
N VAL A 109 -0.58 11.08 -6.38
CA VAL A 109 -0.36 9.82 -7.10
C VAL A 109 -1.09 8.74 -6.30
N LYS A 110 -2.04 8.08 -6.95
CA LYS A 110 -2.92 7.12 -6.26
C LYS A 110 -2.55 5.62 -6.48
N VAL A 111 -2.19 4.98 -5.37
CA VAL A 111 -1.75 3.62 -5.36
C VAL A 111 -2.51 2.77 -4.35
N GLY A 112 -3.19 1.74 -4.87
CA GLY A 112 -4.04 0.86 -4.06
C GLY A 112 -3.32 -0.38 -3.66
N ARG A 113 -3.36 -0.69 -2.35
CA ARG A 113 -3.00 -1.99 -1.80
C ARG A 113 -4.08 -3.00 -2.12
N MET A 114 -4.12 -3.41 -3.38
CA MET A 114 -5.26 -4.10 -3.93
C MET A 114 -4.81 -4.93 -5.12
N ALA A 115 -5.66 -5.86 -5.53
CA ALA A 115 -5.38 -6.74 -6.62
C ALA A 115 -4.03 -7.46 -6.51
N GLY A 116 -3.82 -8.10 -5.36
CA GLY A 116 -2.64 -8.92 -5.09
C GLY A 116 -2.02 -8.77 -3.68
N GLN A 117 -2.65 -8.05 -2.76
CA GLN A 117 -2.20 -7.96 -1.37
C GLN A 117 -2.76 -9.13 -0.55
N PHE A 118 -2.19 -10.31 -0.76
CA PHE A 118 -2.73 -11.56 -0.18
C PHE A 118 -1.83 -12.14 0.88
N ALA A 119 -0.55 -12.32 0.54
CA ALA A 119 0.46 -12.87 1.47
C ALA A 119 0.66 -11.97 2.68
N LYS A 120 0.81 -12.62 3.85
CA LYS A 120 1.03 -11.96 5.11
C LYS A 120 2.24 -12.48 5.84
N PRO A 121 3.09 -11.57 6.31
CA PRO A 121 4.24 -12.01 7.13
C PRO A 121 3.79 -12.15 8.58
N ARG A 122 4.29 -13.17 9.29
CA ARG A 122 3.86 -13.43 10.66
C ARG A 122 5.04 -13.39 11.67
N SER A 123 4.71 -12.97 12.90
CA SER A 123 5.69 -12.89 14.01
C SER A 123 6.17 -14.28 14.39
N SER A 124 5.27 -15.25 14.30
CA SER A 124 5.59 -16.67 14.52
C SER A 124 5.21 -17.56 13.31
N GLY A 125 6.03 -18.59 13.03
CA GLY A 125 5.78 -19.56 11.92
C GLY A 125 4.80 -20.68 12.25
N ASP A 126 4.38 -20.77 13.50
CA ASP A 126 3.28 -21.67 13.83
C ASP A 126 2.31 -21.05 14.83
N GLU A 127 1.21 -21.75 15.10
CA GLU A 127 0.21 -21.27 16.04
C GLU A 127 -0.22 -22.44 16.88
N THR A 128 -0.45 -22.18 18.17
CA THR A 128 -0.85 -23.24 19.13
C THR A 128 -2.20 -22.93 19.78
N GLN A 129 -3.14 -23.87 19.71
CA GLN A 129 -4.40 -23.73 20.45
C GLN A 129 -4.63 -25.02 21.25
N ASN A 130 -4.60 -24.90 22.58
CA ASN A 130 -4.90 -26.01 23.47
C ASN A 130 -4.21 -27.30 23.06
N GLY A 131 -2.89 -27.28 23.02
CA GLY A 131 -2.13 -28.48 22.75
C GLY A 131 -1.96 -28.91 21.31
N VAL A 132 -2.64 -28.25 20.38
CA VAL A 132 -2.48 -28.59 18.96
C VAL A 132 -1.71 -27.49 18.28
N THR A 133 -0.70 -27.87 17.51
CA THR A 133 0.19 -26.92 16.84
C THR A 133 0.18 -27.11 15.34
N LEU A 134 -0.05 -25.99 14.63
CA LEU A 134 -0.31 -26.00 13.17
C LEU A 134 0.48 -24.89 12.48
N PRO A 135 0.73 -25.03 11.17
CA PRO A 135 1.50 -23.96 10.51
C PRO A 135 0.67 -22.66 10.59
N ALA A 136 1.34 -21.54 10.64
CA ALA A 136 0.68 -20.27 10.77
C ALA A 136 -0.08 -19.90 9.46
N TYR A 137 -1.17 -19.14 9.62
CA TYR A 137 -1.90 -18.55 8.48
C TYR A 137 -1.08 -17.48 7.87
N ARG A 138 -0.79 -17.60 6.58
CA ARG A 138 0.11 -16.71 5.85
C ARG A 138 -0.60 -15.93 4.75
N GLY A 139 -1.95 -15.83 4.85
CA GLY A 139 -2.78 -15.28 3.80
C GLY A 139 -3.31 -16.29 2.79
N ASP A 140 -4.43 -15.96 2.18
CA ASP A 140 -5.17 -16.91 1.36
C ASP A 140 -4.42 -17.40 0.14
N ILE A 141 -3.45 -16.62 -0.33
CA ILE A 141 -2.57 -17.06 -1.42
C ILE A 141 -1.72 -18.32 -1.07
N VAL A 142 -1.55 -18.54 0.25
CA VAL A 142 -0.81 -19.67 0.78
C VAL A 142 -1.70 -20.77 1.36
N ASN A 143 -2.54 -20.37 2.32
CA ASN A 143 -3.32 -21.31 3.04
C ASN A 143 -4.50 -20.59 3.67
N GLY A 144 -5.21 -21.27 4.55
CA GLY A 144 -6.55 -20.80 5.01
C GLY A 144 -6.54 -20.40 6.49
N ILE A 145 -7.44 -19.51 6.84
CA ILE A 145 -7.47 -18.95 8.20
C ILE A 145 -7.95 -19.97 9.26
N GLY A 146 -8.69 -20.99 8.80
CA GLY A 146 -9.24 -22.02 9.70
C GLY A 146 -8.13 -22.75 10.48
N PHE A 147 -8.34 -22.90 11.80
CA PHE A 147 -7.39 -23.64 12.63
C PHE A 147 -7.64 -25.15 12.52
N ASP A 148 -7.06 -25.74 11.49
CA ASP A 148 -7.23 -27.17 11.15
C ASP A 148 -6.25 -27.52 10.04
N GLU A 149 -5.79 -28.76 10.01
CA GLU A 149 -4.71 -29.23 9.15
C GLU A 149 -4.89 -28.96 7.64
N LYS A 150 -6.03 -29.36 7.10
CA LYS A 150 -6.35 -29.16 5.68
C LYS A 150 -6.28 -27.64 5.28
N SER A 151 -6.84 -26.77 6.11
CA SER A 151 -6.68 -25.32 5.95
C SER A 151 -5.25 -24.85 5.92
N ARG A 152 -4.44 -25.31 6.89
CA ARG A 152 -3.13 -24.74 7.15
C ARG A 152 -1.99 -25.30 6.36
N VAL A 153 -2.17 -26.47 5.78
CA VAL A 153 -1.18 -27.02 4.91
C VAL A 153 -1.10 -26.12 3.66
N PRO A 154 0.11 -25.66 3.29
CA PRO A 154 0.19 -24.82 2.12
C PRO A 154 -0.33 -25.54 0.87
N ASP A 155 -1.18 -24.85 0.11
CA ASP A 155 -1.79 -25.37 -1.11
C ASP A 155 -1.34 -24.56 -2.32
N PRO A 156 -0.47 -25.13 -3.18
CA PRO A 156 -0.01 -24.32 -4.31
C PRO A 156 -1.11 -23.85 -5.30
N GLU A 157 -2.27 -24.49 -5.30
CA GLU A 157 -3.35 -24.05 -6.22
C GLU A 157 -3.86 -22.63 -5.87
N ARG A 158 -3.58 -22.20 -4.65
CA ARG A 158 -4.04 -20.92 -4.16
C ARG A 158 -3.39 -19.75 -4.84
N LEU A 159 -2.18 -19.97 -5.36
CA LEU A 159 -1.56 -19.04 -6.25
C LEU A 159 -2.46 -18.61 -7.38
N LEU A 160 -3.10 -19.58 -8.03
CA LEU A 160 -3.95 -19.30 -9.17
C LEU A 160 -5.22 -18.61 -8.72
N GLN A 161 -5.83 -19.05 -7.64
CA GLN A 161 -7.00 -18.37 -7.16
C GLN A 161 -6.66 -16.87 -6.80
N ALA A 162 -5.49 -16.60 -6.22
CA ALA A 162 -5.07 -15.19 -5.96
C ALA A 162 -4.92 -14.37 -7.26
N TYR A 163 -4.28 -14.96 -8.26
CA TYR A 163 -4.18 -14.38 -9.57
C TYR A 163 -5.55 -14.04 -10.17
N HIS A 164 -6.46 -14.97 -10.17
CA HIS A 164 -7.81 -14.72 -10.72
C HIS A 164 -8.57 -13.66 -9.97
N GLN A 165 -8.41 -13.60 -8.66
CA GLN A 165 -9.07 -12.54 -7.91
C GLN A 165 -8.42 -11.20 -8.33
N SER A 166 -7.10 -11.22 -8.55
CA SER A 166 -6.38 -10.02 -8.90
C SER A 166 -6.75 -9.50 -10.29
N THR A 167 -6.83 -10.36 -11.29
CA THR A 167 -7.23 -9.83 -12.62
C THR A 167 -8.69 -9.29 -12.53
N ALA A 168 -9.59 -9.97 -11.87
CA ALA A 168 -10.90 -9.40 -11.69
C ALA A 168 -10.92 -8.06 -11.04
N SER A 169 -10.11 -7.84 -9.99
CA SER A 169 -10.17 -6.62 -9.23
C SER A 169 -9.55 -5.47 -9.97
N LEU A 170 -8.38 -5.70 -10.60
CA LEU A 170 -7.74 -4.69 -11.35
C LEU A 170 -8.52 -4.35 -12.62
N ASN A 171 -9.10 -5.36 -13.26
CA ASN A 171 -9.94 -5.06 -14.42
C ASN A 171 -11.05 -4.03 -14.04
N LEU A 172 -11.71 -4.27 -12.92
CA LEU A 172 -12.78 -3.39 -12.46
C LEU A 172 -12.26 -1.99 -12.07
N LEU A 173 -11.11 -1.96 -11.40
CA LEU A 173 -10.49 -0.69 -10.97
C LEU A 173 -10.11 0.15 -12.17
N ARG A 174 -9.53 -0.49 -13.19
CA ARG A 174 -9.20 0.20 -14.42
C ARG A 174 -10.47 0.70 -15.11
N ALA A 175 -11.50 -0.09 -15.10
CA ALA A 175 -12.79 0.37 -15.61
C ALA A 175 -13.34 1.61 -14.87
N PHE A 176 -13.25 1.62 -13.56
CA PHE A 176 -13.77 2.72 -12.77
C PHE A 176 -12.97 3.97 -13.04
N ALA A 177 -11.66 3.78 -13.11
CA ALA A 177 -10.74 4.88 -13.16
C ALA A 177 -10.81 5.59 -14.52
N GLN A 178 -10.95 4.82 -15.58
CA GLN A 178 -10.94 5.35 -16.95
CA GLN A 178 -10.93 5.37 -16.92
C GLN A 178 -12.34 5.57 -17.49
N GLY A 179 -13.30 4.78 -17.04
CA GLY A 179 -14.62 4.72 -17.69
C GLY A 179 -15.74 5.65 -17.18
N GLY A 180 -15.40 6.60 -16.29
CA GLY A 180 -16.38 7.65 -15.88
C GLY A 180 -16.64 7.77 -14.39
N PHE A 181 -16.29 6.75 -13.66
CA PHE A 181 -16.59 6.66 -12.24
C PHE A 181 -15.72 7.62 -11.43
N ALA A 182 -14.48 7.82 -11.90
CA ALA A 182 -13.52 8.74 -11.28
C ALA A 182 -13.57 10.20 -11.85
N ASP A 183 -14.53 10.46 -12.75
CA ASP A 183 -14.71 11.79 -13.33
C ASP A 183 -15.01 12.79 -12.18
N LEU A 184 -14.32 13.92 -12.14
CA LEU A 184 -14.49 14.92 -11.06
C LEU A 184 -15.94 15.43 -10.78
N HIS A 185 -16.81 15.30 -11.77
CA HIS A 185 -18.24 15.60 -11.57
C HIS A 185 -18.91 14.64 -10.62
N GLN A 186 -18.24 13.48 -10.35
CA GLN A 186 -18.73 12.48 -9.43
C GLN A 186 -18.33 12.68 -7.99
N VAL A 187 -17.69 13.81 -7.70
CA VAL A 187 -17.12 14.10 -6.42
C VAL A 187 -18.01 13.77 -5.22
N HIS A 188 -19.32 14.02 -5.36
CA HIS A 188 -20.27 13.76 -4.24
C HIS A 188 -20.55 12.28 -4.04
N ARG A 189 -20.62 11.55 -5.15
CA ARG A 189 -20.95 10.14 -5.15
C ARG A 189 -19.81 9.32 -4.53
N TRP A 190 -18.63 9.90 -4.37
CA TRP A 190 -17.58 9.17 -3.68
C TRP A 190 -17.82 9.11 -2.15
N ASN A 191 -18.57 10.05 -1.60
CA ASN A 191 -18.86 10.01 -0.17
C ASN A 191 -19.79 8.83 0.19
N LEU A 192 -19.27 7.91 1.01
CA LEU A 192 -20.07 6.80 1.48
C LEU A 192 -21.23 7.32 2.36
N ASP A 193 -22.40 6.70 2.26
CA ASP A 193 -23.61 7.25 2.88
C ASP A 193 -23.54 7.31 4.45
N PHE A 194 -22.62 6.55 5.05
CA PHE A 194 -22.44 6.59 6.52
C PHE A 194 -21.53 7.68 7.07
N ILE A 195 -20.94 8.45 6.16
CA ILE A 195 -20.31 9.71 6.51
C ILE A 195 -21.39 10.78 6.26
N ALA A 196 -21.98 11.25 7.37
CA ALA A 196 -23.12 12.18 7.40
C ALA A 196 -23.30 12.56 8.88
N ASN A 197 -24.17 13.53 9.11
CA ASN A 197 -24.49 13.95 10.50
C ASN A 197 -23.25 14.22 11.38
N SER A 198 -22.27 14.93 10.82
CA SER A 198 -21.00 15.25 11.53
C SER A 198 -20.27 16.39 10.83
N ALA A 199 -19.48 17.15 11.61
CA ALA A 199 -18.74 18.29 11.05
C ALA A 199 -17.83 17.90 9.87
N LEU A 200 -17.30 16.67 9.94
CA LEU A 200 -16.39 16.12 8.92
C LEU A 200 -17.12 15.87 7.57
N ALA A 201 -18.32 15.32 7.63
CA ALA A 201 -19.13 15.12 6.43
C ALA A 201 -19.50 16.45 5.78
N GLU A 202 -19.97 17.38 6.62
CA GLU A 202 -20.27 18.73 6.25
C GLU A 202 -19.05 19.32 5.55
N ARG A 203 -17.89 19.11 6.12
CA ARG A 203 -16.64 19.54 5.54
C ARG A 203 -16.37 18.95 4.13
N TYR A 204 -16.61 17.68 3.92
CA TYR A 204 -16.36 17.12 2.61
C TYR A 204 -17.35 17.68 1.64
N GLN A 205 -18.60 17.78 2.08
CA GLN A 205 -19.67 18.26 1.21
C GLN A 205 -19.43 19.71 0.70
N GLN A 206 -18.88 20.56 1.57
CA GLN A 206 -18.51 21.91 1.21
C GLN A 206 -17.35 21.93 0.20
N LEU A 207 -16.37 21.06 0.37
CA LEU A 207 -15.25 20.99 -0.54
C LEU A 207 -15.73 20.50 -1.87
N ALA A 208 -16.57 19.46 -1.87
CA ALA A 208 -17.20 18.99 -3.06
C ALA A 208 -17.98 20.12 -3.78
N ASP A 209 -18.71 20.95 -3.03
CA ASP A 209 -19.41 22.09 -3.63
C ASP A 209 -18.41 23.00 -4.29
N ARG A 210 -17.31 23.29 -3.61
CA ARG A 210 -16.26 24.12 -4.21
C ARG A 210 -15.73 23.53 -5.52
N ILE A 211 -15.64 22.19 -5.59
CA ILE A 211 -15.20 21.49 -6.82
C ILE A 211 -16.23 21.62 -7.93
N ASP A 212 -17.52 21.53 -7.60
CA ASP A 212 -18.61 21.78 -8.55
C ASP A 212 -18.49 23.16 -9.18
N GLU A 213 -18.21 24.14 -8.34
CA GLU A 213 -18.06 25.51 -8.76
C GLU A 213 -16.87 25.70 -9.66
N THR A 214 -15.78 25.05 -9.31
CA THR A 214 -14.54 25.07 -10.12
C THR A 214 -14.84 24.50 -11.51
N LEU A 215 -15.49 23.34 -11.58
CA LEU A 215 -15.80 22.73 -12.87
C LEU A 215 -16.81 23.52 -13.70
N ALA A 216 -17.82 24.08 -13.05
CA ALA A 216 -18.75 24.94 -13.74
C ALA A 216 -18.00 26.13 -14.36
N PHE A 217 -17.04 26.69 -13.64
CA PHE A 217 -16.27 27.81 -14.13
C PHE A 217 -15.37 27.40 -15.29
N MET A 218 -14.83 26.19 -15.21
CA MET A 218 -14.04 25.65 -16.31
C MET A 218 -14.84 25.43 -17.58
N ARG A 219 -16.09 24.95 -17.39
CA ARG A 219 -17.07 24.81 -18.45
C ARG A 219 -17.33 26.21 -19.06
N ALA A 220 -17.65 27.19 -18.23
CA ALA A 220 -17.90 28.56 -18.73
C ALA A 220 -16.65 29.16 -19.43
N CYS A 221 -15.45 28.72 -19.09
CA CYS A 221 -14.23 29.08 -19.79
C CYS A 221 -13.94 28.34 -21.08
N GLY A 222 -14.80 27.38 -21.46
CA GLY A 222 -14.53 26.53 -22.63
C GLY A 222 -13.71 25.24 -22.43
N LEU A 223 -13.50 24.82 -21.20
CA LEU A 223 -12.75 23.60 -20.92
C LEU A 223 -13.59 22.35 -20.52
N ASP A 224 -14.90 22.37 -20.74
CA ASP A 224 -15.74 21.27 -20.24
C ASP A 224 -15.38 19.88 -20.77
N SER A 225 -14.89 19.78 -21.99
CA SER A 225 -14.53 18.48 -22.55
C SER A 225 -13.05 18.02 -22.32
N ALA A 226 -12.30 18.64 -21.39
CA ALA A 226 -10.93 18.15 -21.17
C ALA A 226 -10.89 16.70 -20.59
N PRO A 227 -10.10 15.80 -21.22
CA PRO A 227 -10.06 14.45 -20.70
C PRO A 227 -9.50 14.34 -19.30
N GLN A 228 -8.69 15.30 -18.90
CA GLN A 228 -8.08 15.39 -17.60
C GLN A 228 -9.10 15.49 -16.46
N LEU A 229 -10.32 15.93 -16.73
CA LEU A 229 -11.33 16.08 -15.70
C LEU A 229 -12.17 14.83 -15.49
N ARG A 230 -12.01 13.90 -16.41
CA ARG A 230 -12.91 12.78 -16.56
C ARG A 230 -12.33 11.40 -16.15
N GLU A 231 -11.01 11.27 -16.09
CA GLU A 231 -10.35 10.00 -15.89
C GLU A 231 -9.16 10.28 -15.01
N THR A 232 -8.61 9.24 -14.36
CA THR A 232 -7.36 9.34 -13.64
C THR A 232 -6.66 8.04 -13.71
N SER A 233 -5.39 8.00 -13.39
CA SER A 233 -4.71 6.73 -13.34
C SER A 233 -4.78 6.18 -11.91
N PHE A 234 -5.01 4.88 -11.79
CA PHE A 234 -4.90 4.16 -10.52
C PHE A 234 -3.88 3.02 -10.65
N PHE A 235 -2.95 2.96 -9.70
CA PHE A 235 -1.88 1.98 -9.72
C PHE A 235 -2.14 1.03 -8.57
N THR A 236 -1.49 -0.13 -8.63
CA THR A 236 -1.60 -1.21 -7.64
C THR A 236 -0.25 -1.54 -7.05
N ALA A 237 -0.31 -2.01 -5.81
CA ALA A 237 0.86 -2.38 -5.07
C ALA A 237 0.55 -3.45 -4.08
N HIS A 238 1.54 -4.30 -3.80
CA HIS A 238 1.48 -5.20 -2.63
C HIS A 238 2.87 -5.51 -2.13
N GLU A 239 2.94 -6.18 -0.99
CA GLU A 239 4.23 -6.67 -0.50
C GLU A 239 4.62 -7.83 -1.34
N ALA A 240 5.79 -7.75 -1.94
CA ALA A 240 6.37 -8.89 -2.61
C ALA A 240 6.88 -9.84 -1.54
N LEU A 241 6.07 -10.78 -1.11
CA LEU A 241 6.39 -11.70 0.01
C LEU A 241 6.52 -13.13 -0.45
N LEU A 242 5.53 -13.59 -1.18
CA LEU A 242 5.59 -14.90 -1.78
C LEU A 242 6.31 -14.85 -3.11
N LEU A 243 7.63 -15.12 -3.13
CA LEU A 243 8.43 -14.91 -4.31
C LEU A 243 8.11 -15.84 -5.51
N ASN A 244 7.45 -16.97 -5.27
CA ASN A 244 6.99 -17.89 -6.29
C ASN A 244 5.95 -17.22 -7.18
N TYR A 245 5.04 -16.50 -6.57
CA TYR A 245 4.07 -15.72 -7.27
C TYR A 245 4.71 -14.63 -8.11
N GLU A 246 5.55 -13.85 -7.45
CA GLU A 246 6.30 -12.77 -8.08
C GLU A 246 7.16 -13.23 -9.27
N GLU A 247 7.85 -14.35 -9.12
CA GLU A 247 8.67 -14.83 -10.20
C GLU A 247 7.84 -15.21 -11.42
N ALA A 248 6.76 -15.95 -11.21
CA ALA A 248 5.94 -16.43 -12.30
C ALA A 248 5.37 -15.25 -13.10
N LEU A 249 5.17 -14.11 -12.43
CA LEU A 249 4.60 -12.88 -13.03
C LEU A 249 5.62 -11.81 -13.41
N THR A 250 6.92 -12.13 -13.31
CA THR A 250 7.99 -11.33 -13.83
C THR A 250 8.25 -11.67 -15.33
N ARG A 251 8.28 -10.63 -16.17
CA ARG A 251 8.21 -10.73 -17.62
C ARG A 251 9.09 -9.65 -18.18
N ARG A 252 9.69 -9.96 -19.32
CA ARG A 252 10.53 -9.02 -20.03
C ARG A 252 9.75 -8.00 -20.80
N ASP A 253 10.14 -6.73 -20.71
CA ASP A 253 9.52 -5.70 -21.51
C ASP A 253 9.78 -6.02 -23.00
N SER A 254 8.72 -6.00 -23.79
CA SER A 254 8.76 -6.24 -25.26
C SER A 254 9.79 -5.36 -26.00
N LEU A 255 9.73 -4.05 -25.76
CA LEU A 255 10.58 -3.08 -26.43
C LEU A 255 12.01 -3.11 -25.95
N THR A 256 12.22 -3.11 -24.63
CA THR A 256 13.56 -2.90 -24.04
C THR A 256 14.30 -4.15 -23.52
N GLY A 257 13.66 -5.30 -23.45
CA GLY A 257 14.30 -6.49 -22.87
C GLY A 257 14.38 -6.52 -21.34
N GLU A 258 13.97 -5.45 -20.67
CA GLU A 258 14.29 -5.31 -19.24
C GLU A 258 13.20 -5.97 -18.42
N TRP A 259 13.58 -6.57 -17.29
CA TRP A 259 12.62 -7.37 -16.48
C TRP A 259 11.74 -6.45 -15.61
N TYR A 260 10.45 -6.76 -15.57
CA TYR A 260 9.48 -6.09 -14.68
C TYR A 260 8.65 -7.14 -13.96
N ASP A 261 8.46 -6.98 -12.67
CA ASP A 261 7.50 -7.79 -11.93
C ASP A 261 6.13 -7.28 -12.31
N CYS A 262 5.45 -8.02 -13.19
CA CYS A 262 4.11 -7.58 -13.68
C CYS A 262 2.90 -8.04 -12.85
N SER A 263 3.12 -8.42 -11.61
CA SER A 263 2.03 -8.75 -10.68
C SER A 263 1.28 -7.49 -10.20
N ALA A 264 1.92 -6.35 -10.35
CA ALA A 264 1.53 -5.06 -9.75
C ALA A 264 2.48 -3.97 -10.27
N HIS A 265 2.01 -2.72 -10.21
CA HIS A 265 2.80 -1.61 -10.62
C HIS A 265 3.99 -1.40 -9.65
N MET A 266 3.69 -1.45 -8.36
CA MET A 266 4.72 -1.27 -7.32
C MET A 266 4.77 -2.43 -6.32
N LEU A 267 5.98 -2.82 -5.96
CA LEU A 267 6.16 -3.86 -4.95
C LEU A 267 7.02 -3.34 -3.83
N TRP A 268 6.81 -3.86 -2.64
CA TRP A 268 7.59 -3.40 -1.51
C TRP A 268 8.05 -4.58 -0.67
N ILE A 269 9.13 -4.33 0.07
CA ILE A 269 9.70 -5.30 0.96
C ILE A 269 9.29 -4.96 2.41
N GLY A 270 8.84 -5.96 3.12
CA GLY A 270 8.27 -5.78 4.45
C GLY A 270 9.42 -5.61 5.44
N ASP A 271 9.08 -5.18 6.63
CA ASP A 271 10.07 -4.88 7.62
C ASP A 271 10.85 -6.12 8.09
N ARG A 272 10.20 -7.28 8.11
CA ARG A 272 10.82 -8.48 8.57
C ARG A 272 11.56 -9.24 7.46
N THR A 273 11.56 -8.77 6.21
CA THR A 273 12.16 -9.55 5.10
C THR A 273 13.18 -8.77 4.31
N ARG A 274 13.66 -7.68 4.92
CA ARG A 274 14.52 -6.75 4.23
C ARG A 274 16.00 -6.98 4.49
N GLN A 275 16.36 -8.22 4.78
CA GLN A 275 17.75 -8.60 5.01
C GLN A 275 18.51 -8.29 3.72
N ILE A 276 19.65 -7.62 3.86
CA ILE A 276 20.34 -7.11 2.68
C ILE A 276 20.93 -8.24 1.85
N ASP A 277 21.26 -9.34 2.50
CA ASP A 277 21.75 -10.55 1.82
C ASP A 277 20.61 -11.55 1.50
N GLY A 278 19.37 -11.12 1.70
CA GLY A 278 18.24 -12.01 1.64
C GLY A 278 17.55 -12.10 0.29
N ALA A 279 16.64 -13.07 0.17
CA ALA A 279 15.93 -13.34 -1.09
C ALA A 279 15.10 -12.15 -1.62
N HIS A 280 14.41 -11.44 -0.71
CA HIS A 280 13.41 -10.44 -1.07
C HIS A 280 14.07 -9.25 -1.74
N VAL A 281 15.15 -8.78 -1.13
CA VAL A 281 15.94 -7.75 -1.71
C VAL A 281 16.52 -8.22 -3.05
N GLU A 282 16.92 -9.49 -3.15
CA GLU A 282 17.55 -9.96 -4.37
C GLU A 282 16.53 -9.95 -5.52
N MET A 283 15.28 -10.30 -5.22
CA MET A 283 14.21 -10.28 -6.23
C MET A 283 14.00 -8.91 -6.83
N LEU A 284 13.70 -7.94 -5.96
CA LEU A 284 13.40 -6.58 -6.36
C LEU A 284 14.62 -5.81 -6.92
N ARG A 285 15.81 -6.28 -6.62
CA ARG A 285 17.04 -5.69 -7.09
C ARG A 285 17.05 -5.49 -8.59
N GLY A 286 16.46 -6.43 -9.33
CA GLY A 286 16.68 -6.51 -10.77
C GLY A 286 15.44 -6.40 -11.58
N VAL A 287 14.36 -5.94 -10.96
CA VAL A 287 13.18 -5.54 -11.69
C VAL A 287 13.16 -4.02 -11.84
N GLY A 288 12.46 -3.58 -12.86
CA GLY A 288 12.41 -2.18 -13.22
C GLY A 288 11.30 -1.40 -12.53
N ASN A 289 10.45 -2.05 -11.76
CA ASN A 289 9.35 -1.39 -11.08
C ASN A 289 9.79 -0.29 -10.10
N PRO A 290 8.93 0.73 -9.92
CA PRO A 290 9.03 1.42 -8.65
C PRO A 290 8.80 0.47 -7.46
N ILE A 291 9.62 0.64 -6.44
CA ILE A 291 9.59 -0.24 -5.30
C ILE A 291 9.64 0.53 -3.98
N GLY A 292 9.33 -0.16 -2.88
CA GLY A 292 9.38 0.42 -1.55
C GLY A 292 10.03 -0.49 -0.55
N VAL A 293 10.47 0.05 0.58
CA VAL A 293 10.92 -0.76 1.69
C VAL A 293 10.30 -0.21 2.96
N LYS A 294 9.87 -1.13 3.80
CA LYS A 294 9.38 -0.81 5.11
C LYS A 294 10.55 -0.51 6.07
N VAL A 295 10.48 0.67 6.65
CA VAL A 295 11.56 1.17 7.53
C VAL A 295 11.02 1.38 8.94
N GLY A 296 11.22 0.39 9.79
CA GLY A 296 10.80 0.39 11.19
C GLY A 296 11.94 0.70 12.16
N PRO A 297 11.66 0.58 13.47
CA PRO A 297 12.57 1.10 14.49
C PRO A 297 13.94 0.41 14.55
N SER A 298 14.03 -0.78 13.98
CA SER A 298 15.25 -1.57 14.00
C SER A 298 16.28 -1.11 12.96
N MET A 299 15.89 -0.25 12.03
CA MET A 299 16.78 0.20 10.95
C MET A 299 17.70 1.29 11.41
N ASP A 300 18.98 1.09 11.18
CA ASP A 300 19.97 2.13 11.46
C ASP A 300 20.38 2.72 10.14
N SER A 301 21.13 3.82 10.22
CA SER A 301 21.45 4.65 9.05
C SER A 301 22.48 4.05 8.13
N GLU A 302 23.46 3.34 8.66
CA GLU A 302 24.45 2.58 7.86
C GLU A 302 23.75 1.51 6.98
N GLU A 303 22.92 0.71 7.65
CA GLU A 303 22.10 -0.35 7.05
C GLU A 303 21.17 0.17 5.92
N LEU A 304 20.55 1.33 6.18
CA LEU A 304 19.68 1.96 5.23
C LEU A 304 20.39 2.36 3.94
N ILE A 305 21.56 2.98 4.05
CA ILE A 305 22.36 3.39 2.88
C ILE A 305 22.82 2.18 2.07
N ARG A 306 23.30 1.14 2.74
CA ARG A 306 23.69 -0.07 2.01
C ARG A 306 22.51 -0.65 1.23
N LEU A 307 21.34 -0.62 1.87
CA LEU A 307 20.14 -1.15 1.25
C LEU A 307 19.80 -0.35 0.00
N ILE A 308 19.93 0.97 0.09
CA ILE A 308 19.71 1.83 -1.06
C ILE A 308 20.77 1.63 -2.17
N ASP A 309 22.03 1.40 -1.79
CA ASP A 309 23.07 1.07 -2.80
C ASP A 309 22.63 -0.12 -3.69
N ILE A 310 22.00 -1.12 -3.06
CA ILE A 310 21.56 -2.31 -3.77
C ILE A 310 20.29 -2.06 -4.58
N LEU A 311 19.30 -1.38 -3.99
CA LEU A 311 17.96 -1.26 -4.57
C LEU A 311 17.84 -0.12 -5.54
N ASN A 312 18.72 0.86 -5.44
CA ASN A 312 18.80 1.97 -6.37
C ASN A 312 20.29 2.40 -6.62
N PRO A 313 21.11 1.52 -7.24
CA PRO A 313 22.54 1.87 -7.49
C PRO A 313 22.75 3.16 -8.27
N ASP A 314 21.96 3.39 -9.32
CA ASP A 314 22.05 4.62 -10.12
C ASP A 314 21.42 5.86 -9.49
N ASN A 315 20.81 5.72 -8.32
CA ASN A 315 20.21 6.86 -7.60
C ASN A 315 19.14 7.55 -8.48
N ASP A 316 18.36 6.75 -9.21
CA ASP A 316 17.25 7.25 -10.03
C ASP A 316 16.13 7.77 -9.11
N PRO A 317 15.48 8.85 -9.52
CA PRO A 317 14.70 9.59 -8.50
C PRO A 317 13.28 9.06 -8.31
N GLY A 318 12.85 8.21 -9.23
CA GLY A 318 11.52 7.59 -9.15
C GLY A 318 11.50 6.10 -8.78
N ARG A 319 12.63 5.60 -8.32
CA ARG A 319 12.83 4.17 -8.05
C ARG A 319 12.39 3.70 -6.66
N LEU A 320 12.68 4.47 -5.63
CA LEU A 320 12.63 3.91 -4.29
C LEU A 320 11.76 4.71 -3.34
N ASN A 321 10.82 4.04 -2.69
CA ASN A 321 9.96 4.65 -1.70
C ASN A 321 10.35 4.10 -0.32
N LEU A 322 10.73 5.00 0.59
CA LEU A 322 11.01 4.59 1.99
C LEU A 322 9.79 4.81 2.88
N ILE A 323 9.25 3.72 3.44
CA ILE A 323 7.91 3.69 4.02
C ILE A 323 8.16 3.55 5.52
N VAL A 324 8.03 4.67 6.22
CA VAL A 324 8.54 4.80 7.63
C VAL A 324 7.42 4.47 8.57
N ARG A 325 7.62 3.43 9.36
CA ARG A 325 6.65 3.02 10.36
C ARG A 325 7.37 2.83 11.68
N MET A 326 7.31 3.82 12.54
CA MET A 326 8.16 3.81 13.72
C MET A 326 7.42 3.63 15.03
N GLY A 327 6.15 4.01 15.08
CA GLY A 327 5.44 4.22 16.37
C GLY A 327 5.36 5.69 16.68
N ALA A 328 4.22 6.14 17.18
CA ALA A 328 4.03 7.54 17.63
C ALA A 328 5.10 8.00 18.67
N ASP A 329 5.53 7.09 19.52
CA ASP A 329 6.56 7.38 20.53
C ASP A 329 8.04 7.42 20.00
N LYS A 330 8.31 6.88 18.80
CA LYS A 330 9.68 6.56 18.34
C LYS A 330 10.15 7.31 17.11
N VAL A 331 9.23 7.90 16.38
CA VAL A 331 9.54 8.57 15.11
C VAL A 331 10.42 9.81 15.35
N GLY A 332 10.06 10.56 16.40
CA GLY A 332 10.83 11.71 16.86
C GLY A 332 12.27 11.36 17.07
N ASP A 333 12.48 10.20 17.71
CA ASP A 333 13.81 9.71 18.06
C ASP A 333 14.62 9.06 16.95
N HIS A 334 13.95 8.45 15.96
CA HIS A 334 14.64 7.55 15.00
C HIS A 334 14.81 8.14 13.62
N LEU A 335 13.81 8.88 13.16
CA LEU A 335 13.79 9.36 11.79
C LEU A 335 14.85 10.39 11.45
N PRO A 336 15.09 11.36 12.37
CA PRO A 336 16.03 12.40 12.04
C PRO A 336 17.35 11.91 11.50
N ARG A 337 17.90 10.91 12.16
CA ARG A 337 19.22 10.34 11.85
C ARG A 337 19.21 9.62 10.48
N LEU A 338 18.06 9.07 10.13
CA LEU A 338 17.90 8.40 8.84
C LEU A 338 17.85 9.36 7.70
N ILE A 339 17.06 10.40 7.82
CA ILE A 339 17.04 11.48 6.81
C ILE A 339 18.41 12.16 6.61
N GLN A 340 19.07 12.41 7.74
CA GLN A 340 20.35 13.10 7.72
C GLN A 340 21.38 12.33 6.91
N ALA A 341 21.35 11.03 7.08
CA ALA A 341 22.24 10.13 6.34
C ALA A 341 21.99 10.20 4.83
N ILE A 342 20.71 10.13 4.46
CA ILE A 342 20.29 10.20 3.06
C ILE A 342 20.71 11.52 2.43
N GLN A 343 20.43 12.63 3.13
CA GLN A 343 20.81 13.98 2.67
CA GLN A 343 20.80 13.97 2.64
C GLN A 343 22.31 14.05 2.46
N ARG A 344 23.06 13.62 3.49
CA ARG A 344 24.50 13.62 3.44
C ARG A 344 25.04 12.86 2.23
N GLU A 345 24.41 11.74 1.89
CA GLU A 345 24.88 10.89 0.79
C GLU A 345 24.23 11.21 -0.56
N GLY A 346 23.39 12.23 -0.58
CA GLY A 346 22.77 12.75 -1.81
C GLY A 346 21.75 11.80 -2.47
N ARG A 347 21.04 11.02 -1.65
CA ARG A 347 20.17 9.99 -2.23
C ARG A 347 18.83 10.55 -2.55
N GLN A 348 18.26 10.06 -3.66
CA GLN A 348 16.90 10.44 -4.06
C GLN A 348 15.94 9.37 -3.60
N VAL A 349 15.06 9.74 -2.67
CA VAL A 349 14.08 8.84 -2.13
C VAL A 349 12.77 9.57 -1.94
N LEU A 350 11.71 8.76 -1.99
CA LEU A 350 10.37 9.18 -1.74
C LEU A 350 10.10 8.73 -0.30
N TRP A 351 9.88 9.68 0.62
CA TRP A 351 9.60 9.34 1.99
C TRP A 351 8.10 9.29 2.22
N SER A 352 7.60 8.13 2.63
CA SER A 352 6.25 7.93 3.08
C SER A 352 6.17 7.60 4.55
N SER A 353 5.05 7.95 5.17
CA SER A 353 4.65 7.48 6.51
C SER A 353 3.63 6.34 6.44
N ASP A 354 3.99 5.16 6.95
CA ASP A 354 3.05 4.17 7.38
C ASP A 354 2.82 4.38 8.89
N PRO A 355 1.72 5.04 9.24
CA PRO A 355 1.54 5.36 10.65
C PRO A 355 0.81 4.30 11.40
N MET A 356 0.70 3.12 10.82
CA MET A 356 -0.14 2.11 11.40
C MET A 356 0.59 0.90 11.97
N HIS A 357 1.59 0.39 11.25
CA HIS A 357 2.21 -0.86 11.64
C HIS A 357 3.15 -0.71 12.82
N GLY A 358 3.55 0.50 13.14
CA GLY A 358 4.30 0.73 14.35
C GLY A 358 3.43 1.08 15.54
N ASN A 359 2.10 1.13 15.38
CA ASN A 359 1.22 1.56 16.48
C ASN A 359 0.24 0.52 16.90
N THR A 360 0.63 -0.74 16.79
CA THR A 360 -0.25 -1.84 17.10
C THR A 360 0.11 -2.41 18.45
N ILE A 361 -0.92 -2.52 19.31
CA ILE A 361 -0.79 -3.18 20.58
C ILE A 361 -1.35 -4.60 20.48
N LYS A 362 -0.54 -5.56 20.91
CA LYS A 362 -0.97 -6.95 21.09
C LYS A 362 -1.17 -7.24 22.58
N ALA A 363 -2.42 -7.48 22.97
CA ALA A 363 -2.71 -8.03 24.31
C ALA A 363 -2.14 -9.46 24.42
N SER A 364 -2.05 -9.96 25.65
CA SER A 364 -1.52 -11.32 25.91
C SER A 364 -2.33 -12.37 25.15
N SER A 365 -3.64 -12.13 25.05
CA SER A 365 -4.56 -12.92 24.22
C SER A 365 -4.30 -12.94 22.68
N GLY A 366 -3.49 -12.02 22.15
CA GLY A 366 -3.28 -11.93 20.69
C GLY A 366 -4.18 -10.89 20.03
N TYR A 367 -5.21 -10.41 20.75
CA TYR A 367 -6.14 -9.38 20.27
C TYR A 367 -5.37 -8.06 20.02
N LYS A 368 -5.44 -7.58 18.79
CA LYS A 368 -4.73 -6.39 18.33
C LYS A 368 -5.59 -5.13 18.46
N THR A 369 -4.99 -4.05 18.97
CA THR A 369 -5.64 -2.72 18.98
C THR A 369 -4.73 -1.64 18.31
N ARG A 370 -5.38 -0.68 17.63
CA ARG A 370 -4.74 0.49 17.11
C ARG A 370 -5.58 1.69 17.53
N ASP A 371 -4.93 2.59 18.26
CA ASP A 371 -5.51 3.84 18.66
C ASP A 371 -5.30 4.86 17.53
N PHE A 372 -6.40 5.37 16.99
CA PHE A 372 -6.35 6.33 15.90
C PHE A 372 -5.62 7.62 16.29
N ALA A 373 -5.81 8.07 17.55
CA ALA A 373 -5.05 9.19 18.09
C ALA A 373 -3.57 8.99 17.90
N ARG A 374 -3.06 7.80 18.18
CA ARG A 374 -1.63 7.52 17.92
C ARG A 374 -1.27 7.49 16.42
N VAL A 375 -2.18 7.01 15.58
CA VAL A 375 -1.96 7.02 14.15
C VAL A 375 -1.75 8.48 13.72
N LEU A 376 -2.65 9.36 14.15
CA LEU A 376 -2.51 10.79 13.82
C LEU A 376 -1.27 11.47 14.37
N ALA A 377 -0.88 11.07 15.59
CA ALA A 377 0.32 11.58 16.20
C ALA A 377 1.57 11.15 15.44
N GLU A 378 1.62 9.92 14.98
CA GLU A 378 2.79 9.54 14.17
C GLU A 378 2.84 10.37 12.90
N VAL A 379 1.69 10.56 12.27
CA VAL A 379 1.66 11.36 11.03
C VAL A 379 2.15 12.77 11.26
N ARG A 380 1.60 13.42 12.28
CA ARG A 380 1.95 14.80 12.61
C ARG A 380 3.46 14.92 12.86
N GLN A 381 4.02 13.96 13.57
CA GLN A 381 5.46 14.00 13.86
C GLN A 381 6.32 13.76 12.62
N PHE A 382 5.86 12.87 11.73
CA PHE A 382 6.52 12.64 10.43
C PHE A 382 6.73 13.91 9.71
N PHE A 383 5.67 14.69 9.58
CA PHE A 383 5.74 16.00 8.92
C PHE A 383 6.64 16.99 9.68
N GLU A 384 6.51 17.02 11.02
CA GLU A 384 7.35 17.87 11.85
C GLU A 384 8.82 17.56 11.65
N VAL A 385 9.15 16.29 11.60
CA VAL A 385 10.55 15.85 11.44
C VAL A 385 11.09 16.27 10.10
N HIS A 386 10.29 16.10 9.04
CA HIS A 386 10.70 16.56 7.71
C HIS A 386 10.89 18.05 7.70
N GLN A 387 9.92 18.73 8.27
CA GLN A 387 9.98 20.18 8.42
C GLN A 387 11.33 20.64 9.04
N ALA A 388 11.71 19.98 10.12
CA ALA A 388 12.96 20.31 10.83
C ALA A 388 14.24 19.98 10.06
N GLU A 389 14.20 18.95 9.23
CA GLU A 389 15.42 18.49 8.58
C GLU A 389 15.65 19.04 7.19
N GLY A 390 14.69 19.78 6.64
CA GLY A 390 14.83 20.28 5.27
C GLY A 390 14.41 19.31 4.13
N SER A 391 13.93 18.11 4.48
CA SER A 391 13.53 17.09 3.46
C SER A 391 12.01 17.15 3.20
N TYR A 392 11.50 16.26 2.37
CA TYR A 392 10.08 16.32 1.93
C TYR A 392 9.25 15.15 2.45
N ALA A 393 8.15 15.48 3.17
CA ALA A 393 7.22 14.48 3.62
C ALA A 393 6.35 14.15 2.40
N GLY A 394 6.57 12.99 1.82
CA GLY A 394 6.16 12.76 0.44
C GLY A 394 4.93 11.94 0.23
N GLY A 395 4.61 11.08 1.18
CA GLY A 395 3.42 10.25 1.01
C GLY A 395 2.86 9.71 2.31
N ILE A 396 1.72 9.08 2.15
CA ILE A 396 1.02 8.42 3.25
C ILE A 396 0.74 6.99 2.80
N HIS A 397 0.81 6.06 3.73
CA HIS A 397 0.62 4.63 3.44
C HIS A 397 -0.16 3.99 4.57
N ILE A 398 -1.43 3.70 4.29
CA ILE A 398 -2.41 3.28 5.28
C ILE A 398 -3.19 2.02 4.87
N GLU A 399 -3.67 1.31 5.90
CA GLU A 399 -4.66 0.25 5.71
C GLU A 399 -6.03 0.81 6.04
N MET A 400 -6.99 0.58 5.14
CA MET A 400 -8.30 1.21 5.22
C MET A 400 -9.30 0.35 4.55
N THR A 401 -10.57 0.71 4.77
CA THR A 401 -11.70 0.00 4.25
C THR A 401 -12.83 0.95 3.99
N GLY A 402 -13.57 0.68 2.91
CA GLY A 402 -14.86 1.33 2.68
C GLY A 402 -16.10 0.67 3.35
N GLN A 403 -15.94 -0.41 4.10
CA GLN A 403 -17.04 -1.03 4.86
C GLN A 403 -17.36 -0.24 6.12
N ASN A 404 -18.63 -0.32 6.57
CA ASN A 404 -19.17 0.52 7.66
C ASN A 404 -18.83 -0.06 9.05
N VAL A 405 -17.53 -0.02 9.39
CA VAL A 405 -17.03 -0.62 10.62
C VAL A 405 -16.18 0.42 11.35
N THR A 406 -15.79 0.09 12.58
CA THR A 406 -14.77 0.83 13.30
C THR A 406 -13.86 -0.20 13.95
N GLU A 407 -12.62 -0.28 13.46
CA GLU A 407 -11.66 -1.27 13.93
C GLU A 407 -10.55 -0.64 14.78
N CYS A 408 -10.23 0.62 14.50
CA CYS A 408 -9.27 1.38 15.29
C CYS A 408 -10.02 2.22 16.37
N ILE A 409 -9.61 2.05 17.63
CA ILE A 409 -10.18 2.82 18.77
C ILE A 409 -9.82 4.31 18.78
N GLY A 410 -10.45 5.04 19.70
CA GLY A 410 -10.10 6.44 19.98
C GLY A 410 -10.25 7.35 18.79
N GLY A 411 -11.22 7.01 17.94
CA GLY A 411 -11.56 7.81 16.77
C GLY A 411 -12.52 8.87 17.26
N SER A 412 -13.68 8.93 16.63
CA SER A 412 -14.73 9.85 17.03
C SER A 412 -15.84 9.10 17.75
N ARG A 413 -16.17 7.90 17.24
CA ARG A 413 -17.14 7.02 17.87
C ARG A 413 -16.45 5.73 18.32
N PRO A 414 -17.00 5.03 19.33
CA PRO A 414 -16.38 3.81 19.84
C PRO A 414 -16.51 2.66 18.86
N ILE A 415 -15.71 1.63 19.07
CA ILE A 415 -15.42 0.66 18.01
C ILE A 415 -16.56 -0.33 17.76
N THR A 416 -16.44 -1.03 16.64
CA THR A 416 -17.27 -2.18 16.32
C THR A 416 -16.39 -3.44 16.45
N GLU A 417 -16.83 -4.40 17.25
CA GLU A 417 -16.12 -5.66 17.48
C GLU A 417 -16.90 -6.79 16.77
N ASP A 418 -17.12 -6.60 15.47
CA ASP A 418 -18.22 -7.25 14.74
C ASP A 418 -18.15 -8.77 14.63
N GLY A 419 -16.96 -9.27 14.31
CA GLY A 419 -16.81 -10.63 13.79
C GLY A 419 -16.43 -10.55 12.32
N LEU A 420 -17.11 -9.70 11.56
CA LEU A 420 -16.65 -9.25 10.23
C LEU A 420 -15.25 -8.60 10.34
N SER A 421 -14.98 -7.95 11.48
CA SER A 421 -13.69 -7.34 11.78
C SER A 421 -12.85 -8.08 12.87
N ASP A 422 -13.16 -9.34 13.15
CA ASP A 422 -12.38 -10.16 14.10
C ASP A 422 -11.07 -10.64 13.42
N ARG A 423 -11.12 -10.84 12.11
CA ARG A 423 -9.93 -11.14 11.29
C ARG A 423 -8.92 -9.98 11.43
N TYR A 424 -9.44 -8.79 11.58
CA TYR A 424 -8.62 -7.58 11.66
C TYR A 424 -8.25 -7.20 13.10
N HIS A 425 -8.51 -8.10 14.05
CA HIS A 425 -7.98 -7.95 15.42
C HIS A 425 -7.13 -9.16 15.85
N THR A 426 -6.96 -10.13 14.95
CA THR A 426 -6.16 -11.32 15.26
C THR A 426 -5.09 -11.54 14.18
N HIS A 427 -5.49 -12.22 13.09
CA HIS A 427 -4.53 -12.52 12.04
C HIS A 427 -4.13 -11.27 11.21
N CYS A 428 -5.02 -10.30 11.05
CA CYS A 428 -4.71 -9.06 10.37
C CYS A 428 -4.86 -7.90 11.35
N ASP A 429 -4.64 -6.68 10.88
CA ASP A 429 -4.59 -5.50 11.70
C ASP A 429 -5.79 -4.60 11.46
N PRO A 430 -6.13 -3.79 12.47
CA PRO A 430 -7.28 -2.90 12.31
C PRO A 430 -7.05 -1.83 11.22
N ARG A 431 -8.05 -1.67 10.35
CA ARG A 431 -7.95 -0.73 9.24
C ARG A 431 -8.65 0.57 9.60
N LEU A 432 -8.23 1.67 8.98
CA LEU A 432 -8.98 2.92 9.06
C LEU A 432 -10.30 2.76 8.32
N ASN A 433 -11.37 3.28 8.92
CA ASN A 433 -12.64 3.39 8.22
C ASN A 433 -12.66 4.70 7.44
N ALA A 434 -13.82 5.06 6.90
CA ALA A 434 -13.88 6.17 5.95
C ALA A 434 -13.86 7.54 6.64
N ASP A 435 -14.53 7.64 7.78
CA ASP A 435 -14.40 8.81 8.66
C ASP A 435 -12.94 9.06 8.92
N GLN A 436 -12.30 8.03 9.44
CA GLN A 436 -10.90 8.16 9.87
C GLN A 436 -9.99 8.52 8.66
N SER A 437 -10.22 7.87 7.51
CA SER A 437 -9.40 8.15 6.28
C SER A 437 -9.55 9.57 5.83
N LEU A 438 -10.77 10.05 5.93
CA LEU A 438 -11.07 11.42 5.55
C LEU A 438 -10.45 12.46 6.49
N GLU A 439 -10.51 12.22 7.80
CA GLU A 439 -9.96 13.18 8.77
C GLU A 439 -8.47 13.23 8.53
N LEU A 440 -7.87 12.06 8.33
CA LEU A 440 -6.48 12.01 7.94
C LEU A 440 -6.22 12.86 6.70
N ALA A 441 -7.07 12.73 5.68
CA ALA A 441 -6.85 13.45 4.42
C ALA A 441 -6.90 14.98 4.62
N PHE A 442 -7.83 15.43 5.43
CA PHE A 442 -7.92 16.84 5.76
C PHE A 442 -6.70 17.32 6.55
N LEU A 443 -6.20 16.53 7.48
CA LEU A 443 -4.99 16.91 8.21
C LEU A 443 -3.80 16.99 7.24
N ILE A 444 -3.66 15.97 6.39
CA ILE A 444 -2.57 15.98 5.40
C ILE A 444 -2.67 17.23 4.53
N ALA A 445 -3.89 17.54 4.15
CA ALA A 445 -4.17 18.63 3.25
C ALA A 445 -3.77 20.02 3.80
N GLU A 446 -4.11 20.27 5.06
CA GLU A 446 -3.73 21.53 5.73
C GLU A 446 -2.23 21.59 5.86
N THR A 447 -1.64 20.49 6.27
CA THR A 447 -0.20 20.42 6.43
C THR A 447 0.55 20.71 5.13
N LEU A 448 0.07 20.12 4.04
CA LEU A 448 0.68 20.35 2.71
C LEU A 448 0.50 21.78 2.25
N LYS A 449 -0.69 22.32 2.44
CA LYS A 449 -0.92 23.73 2.15
C LYS A 449 0.10 24.63 2.89
N GLN A 450 0.34 24.32 4.17
CA GLN A 450 1.24 25.13 5.00
C GLN A 450 2.69 25.00 4.53
N VAL A 451 3.07 23.83 4.03
CA VAL A 451 4.44 23.56 3.54
C VAL A 451 4.74 24.39 2.32
N ARG A 452 3.71 24.58 1.50
CA ARG A 452 3.80 25.19 0.17
C ARG A 452 3.41 26.69 0.14
N ARG A 453 3.14 27.27 1.30
CA ARG A 453 2.47 28.58 1.40
C ARG A 453 3.45 29.73 1.12
P PO4 B . -0.15 -33.68 -3.36
O1 PO4 B . -1.34 -34.37 -2.78
O2 PO4 B . 0.41 -32.74 -2.32
O3 PO4 B . 0.92 -34.66 -3.77
O4 PO4 B . -0.57 -32.93 -4.58
P PO4 C . 1.15 -11.41 13.93
O1 PO4 C . 1.91 -12.51 13.19
O2 PO4 C . 1.83 -11.02 15.24
O3 PO4 C . -0.26 -11.91 14.27
O4 PO4 C . 1.02 -10.24 13.01
CO CO D . -1.49 -4.78 8.26
C1 PEP E . 2.13 -4.46 5.94
O1 PEP E . 1.19 -5.22 5.60
O2' PEP E . 2.28 -3.33 5.44
C2 PEP E . 3.10 -4.92 6.94
C3 PEP E . 3.14 -6.20 7.34
O2 PEP E . 3.98 -3.92 7.49
P PEP E . 5.47 -4.21 8.00
O1P PEP E . 5.23 -4.69 9.40
O2P PEP E . 6.01 -2.83 7.86
O3P PEP E . 6.20 -5.10 7.05
N TYR F . -6.82 13.48 -14.50
CA TYR F . -6.12 14.14 -13.39
C TYR F . -5.23 13.21 -12.62
O TYR F . -5.30 11.99 -12.77
CB TYR F . -7.12 14.80 -12.43
CG TYR F . -8.05 13.89 -11.74
CD1 TYR F . -9.26 13.55 -12.31
CD2 TYR F . -7.75 13.40 -10.48
CE1 TYR F . -10.13 12.71 -11.65
CE2 TYR F . -8.64 12.56 -9.82
CZ TYR F . -9.83 12.21 -10.41
OH TYR F . -10.73 11.40 -9.76
OXT TYR F . -4.46 13.69 -11.79
CL CL G . 13.43 6.78 -12.10
#